data_6UR1
#
_entry.id   6UR1
#
_cell.length_a   45.544
_cell.length_b   81.564
_cell.length_c   81.315
_cell.angle_alpha   90.000
_cell.angle_beta   100.010
_cell.angle_gamma   90.000
#
_symmetry.space_group_name_H-M   'P 1 21 1'
#
loop_
_entity.id
_entity.type
_entity.pdbx_description
1 polymer ChoE
2 non-polymer 'ACETATE ION'
3 non-polymer ACETYLTHIOCHOLINE
4 non-polymer GLYCEROL
5 water water
#
_entity_poly.entity_id   1
_entity_poly.type   'polypeptide(L)'
_entity_poly.pdbx_seq_one_letter_code
;HTSPLLAPVRQIHAFGDAYSDNGESQRLTREMLAKGIAGAQALPGEVYWQGRWSNGPTAVEVLARQLGAQLADHAVGGAK
SGADNYYGWMSAYRHTGLAGQVDAYLATLDGKPVDGQALHFIFVSANDFFEHEDFAGEQPLEQLAGSSVANIRAAVQRLG
EAGARRFLVVSSTDLSVVPAVVAGNRVERAQRYLQAVNASLPIQLAALRKTRGLELSWFDHLTFSRHLRRNPARYGLVEL
DAPCQPTQPSVRPACANPDQYYFWDEWHPTRRVHQLAGEAMAARYAR
;
_entity_poly.pdbx_strand_id   A,B
#
# COMPACT_ATOMS: atom_id res chain seq x y z
N THR A 2 -8.37 21.43 -11.23
CA THR A 2 -7.77 20.29 -10.42
C THR A 2 -6.79 19.48 -11.30
N SER A 3 -5.75 18.91 -10.66
CA SER A 3 -4.81 17.98 -11.32
C SER A 3 -5.24 16.53 -11.01
N PRO A 4 -4.50 15.55 -11.53
CA PRO A 4 -4.87 14.12 -11.22
C PRO A 4 -4.80 13.85 -9.72
N LEU A 5 -5.68 13.01 -9.21
CA LEU A 5 -5.63 12.62 -7.87
C LEU A 5 -4.34 11.83 -7.61
N LEU A 6 -3.83 11.97 -6.39
CA LEU A 6 -2.67 11.17 -5.97
C LEU A 6 -3.11 9.71 -5.72
N ALA A 7 -2.12 8.81 -5.68
CA ALA A 7 -2.36 7.41 -5.58
C ALA A 7 -2.96 7.06 -4.21
N PRO A 8 -3.63 5.92 -4.06
CA PRO A 8 -4.27 5.50 -2.84
C PRO A 8 -3.27 5.35 -1.67
N VAL A 9 -3.85 5.43 -0.50
CA VAL A 9 -3.15 5.36 0.74
C VAL A 9 -3.75 4.23 1.57
N ARG A 10 -2.87 3.33 2.07
CA ARG A 10 -3.32 2.20 2.90
C ARG A 10 -2.74 2.25 4.30
N GLN A 11 -1.74 3.10 4.55
CA GLN A 11 -1.17 3.26 5.90
C GLN A 11 -0.79 4.74 6.06
N ILE A 12 -1.21 5.29 7.21
CA ILE A 12 -0.82 6.65 7.64
C ILE A 12 -0.01 6.54 8.95
N HIS A 13 1.08 7.27 8.96
CA HIS A 13 1.82 7.62 10.22
C HIS A 13 1.58 9.10 10.45
N ALA A 14 0.89 9.41 11.54
CA ALA A 14 0.54 10.83 11.84
C ALA A 14 1.43 11.36 12.96
N PHE A 15 1.88 12.59 12.78
CA PHE A 15 2.71 13.30 13.75
C PHE A 15 2.08 14.66 14.01
N GLY A 16 2.07 15.09 15.25
CA GLY A 16 1.48 16.43 15.50
C GLY A 16 1.01 16.61 16.92
N ASP A 17 -0.08 17.37 17.04
CA ASP A 17 -0.61 17.86 18.35
C ASP A 17 -2.04 17.44 18.62
N ALA A 18 -2.78 18.15 19.48
CA ALA A 18 -4.14 17.72 19.83
C ALA A 18 -5.11 17.82 18.64
N TYR A 19 -4.73 18.49 17.56
CA TYR A 19 -5.58 18.54 16.36
C TYR A 19 -5.56 17.16 15.67
N SER A 20 -4.67 16.26 16.10
CA SER A 20 -4.61 14.88 15.52
C SER A 20 -4.68 13.74 16.56
N ASP A 21 -4.20 13.96 17.79
CA ASP A 21 -4.07 12.95 18.85
C ASP A 21 -5.34 12.12 18.99
N ASN A 22 -5.20 10.78 18.95
CA ASN A 22 -6.38 9.90 19.02
C ASN A 22 -6.25 9.00 20.25
N GLY A 23 -5.45 9.41 21.22
CA GLY A 23 -5.37 8.69 22.50
C GLY A 23 -3.99 8.74 23.13
N GLU A 24 -2.96 9.29 22.50
CA GLU A 24 -1.59 9.17 23.02
C GLU A 24 -1.44 10.02 24.30
N SER A 25 -1.96 11.24 24.32
CA SER A 25 -1.75 12.07 25.54
C SER A 25 -2.44 11.42 26.73
N GLN A 26 -3.53 10.75 26.47
CA GLN A 26 -4.26 10.06 27.55
C GLN A 26 -3.43 8.86 28.00
N ARG A 27 -2.96 8.05 27.07
CA ARG A 27 -2.16 6.88 27.46
C ARG A 27 -0.92 7.32 28.25
N LEU A 28 -0.18 8.28 27.71
CA LEU A 28 1.06 8.72 28.34
C LEU A 28 0.76 9.35 29.70
N THR A 29 -0.29 10.16 29.82
CA THR A 29 -0.44 10.82 31.11
C THR A 29 -0.90 9.81 32.15
N ARG A 30 -1.69 8.82 31.74
CA ARG A 30 -2.03 7.72 32.66
C ARG A 30 -0.77 7.00 33.15
N GLU A 31 0.13 6.72 32.23
CA GLU A 31 1.40 6.11 32.60
C GLU A 31 2.17 6.97 33.62
N MET A 32 2.25 8.26 33.31
CA MET A 32 3.04 9.18 34.10
C MET A 32 2.43 9.32 35.50
N LEU A 33 1.12 9.30 35.57
CA LEU A 33 0.43 9.42 36.84
C LEU A 33 0.71 8.17 37.69
N ALA A 34 0.61 7.00 37.08
CA ALA A 34 0.95 5.73 37.73
C ALA A 34 2.38 5.74 38.27
N LYS A 35 3.31 6.45 37.63
CA LYS A 35 4.69 6.34 38.02
C LYS A 35 5.09 7.45 38.99
N GLY A 36 4.18 8.38 39.29
CA GLY A 36 4.45 9.49 40.19
C GLY A 36 5.28 10.58 39.54
N ILE A 37 5.21 10.72 38.23
CA ILE A 37 6.13 11.67 37.58
C ILE A 37 5.77 13.11 38.02
N ALA A 38 6.80 13.91 38.31
CA ALA A 38 6.62 15.30 38.79
C ALA A 38 5.82 16.10 37.76
N GLY A 39 4.72 16.67 38.22
CA GLY A 39 3.96 17.61 37.41
C GLY A 39 2.83 16.95 36.66
N ALA A 40 2.82 15.61 36.59
CA ALA A 40 1.84 14.95 35.71
C ALA A 40 0.39 15.32 36.03
N GLN A 41 -0.37 15.45 34.95
CA GLN A 41 -1.80 15.68 35.01
C GLN A 41 -2.47 14.81 33.96
N ALA A 42 -3.75 14.50 34.22
CA ALA A 42 -4.56 13.66 33.35
C ALA A 42 -5.00 14.47 32.12
N LEU A 43 -4.57 14.04 30.95
CA LEU A 43 -4.96 14.75 29.74
C LEU A 43 -5.73 13.75 28.89
N PRO A 44 -6.73 14.21 28.16
CA PRO A 44 -7.05 15.60 27.92
C PRO A 44 -7.94 16.23 29.00
N GLY A 45 -8.60 15.38 29.78
CA GLY A 45 -9.60 15.83 30.76
C GLY A 45 -10.91 15.05 30.68
N GLU A 46 -11.86 15.50 31.51
CA GLU A 46 -13.11 14.77 31.78
C GLU A 46 -14.16 15.03 30.69
N VAL A 47 -14.06 16.16 29.99
CA VAL A 47 -15.13 16.58 29.07
C VAL A 47 -14.73 16.34 27.62
N TYR A 48 -14.18 15.17 27.35
CA TYR A 48 -13.65 14.87 26.01
C TYR A 48 -14.06 13.46 25.62
N TRP A 49 -14.07 13.20 24.31
CA TRP A 49 -14.49 11.92 23.79
C TRP A 49 -13.29 10.97 23.61
N GLN A 50 -13.28 9.90 24.40
CA GLN A 50 -12.33 8.76 24.28
C GLN A 50 -10.88 9.22 24.10
N GLY A 51 -10.46 10.21 24.88
CA GLY A 51 -9.08 10.65 24.91
C GLY A 51 -8.70 11.61 23.77
N ARG A 52 -9.63 11.92 22.90
CA ARG A 52 -9.41 12.95 21.88
C ARG A 52 -9.67 14.34 22.51
N TRP A 53 -8.96 15.36 22.06
CA TRP A 53 -9.22 16.71 22.54
C TRP A 53 -10.32 17.34 21.70
N SER A 54 -11.46 16.71 21.74
CA SER A 54 -12.64 17.04 20.95
C SER A 54 -13.82 16.20 21.47
N ASN A 55 -14.98 16.31 20.84
CA ASN A 55 -16.14 15.41 21.15
C ASN A 55 -16.25 14.27 20.12
N GLY A 56 -15.19 14.03 19.34
CA GLY A 56 -15.20 12.95 18.37
C GLY A 56 -13.84 12.79 17.73
N PRO A 57 -13.78 11.98 16.67
CA PRO A 57 -12.51 11.69 16.01
C PRO A 57 -11.82 12.95 15.43
N THR A 58 -10.49 12.96 15.40
CA THR A 58 -9.78 14.10 14.80
C THR A 58 -9.71 14.00 13.26
N ALA A 59 -9.28 15.03 12.58
CA ALA A 59 -9.28 15.12 11.14
C ALA A 59 -8.50 13.95 10.55
N VAL A 60 -7.36 13.61 11.11
CA VAL A 60 -6.57 12.57 10.51
C VAL A 60 -7.30 11.22 10.63
N GLU A 61 -8.09 10.97 11.66
CA GLU A 61 -8.84 9.74 11.82
C GLU A 61 -9.88 9.67 10.70
N VAL A 62 -10.50 10.80 10.38
CA VAL A 62 -11.48 10.85 9.26
C VAL A 62 -10.76 10.67 7.92
N LEU A 63 -9.62 11.24 7.72
CA LEU A 63 -8.83 11.09 6.53
C LEU A 63 -8.57 9.58 6.34
N ALA A 64 -8.15 8.91 7.39
CA ALA A 64 -7.80 7.48 7.25
C ALA A 64 -9.04 6.67 6.86
N ARG A 65 -10.15 6.94 7.50
CA ARG A 65 -11.45 6.30 7.19
C ARG A 65 -11.83 6.56 5.73
N GLN A 66 -11.77 7.79 5.29
CA GLN A 66 -12.17 8.14 3.92
C GLN A 66 -11.31 7.40 2.88
N LEU A 67 -10.03 7.27 3.16
CA LEU A 67 -9.09 6.76 2.17
C LEU A 67 -8.97 5.23 2.25
N GLY A 68 -9.50 4.60 3.26
CA GLY A 68 -9.31 3.12 3.43
C GLY A 68 -7.92 2.76 3.95
N ALA A 69 -7.37 3.58 4.84
CA ALA A 69 -6.01 3.41 5.41
C ALA A 69 -6.08 3.06 6.90
N GLN A 70 -5.12 2.24 7.34
CA GLN A 70 -4.79 2.08 8.74
C GLN A 70 -4.02 3.32 9.20
N LEU A 71 -4.23 3.65 10.48
CA LEU A 71 -3.61 4.87 11.09
C LEU A 71 -2.79 4.46 12.32
N ALA A 72 -1.51 4.84 12.31
CA ALA A 72 -0.65 4.85 13.46
C ALA A 72 -0.46 6.32 13.84
N ASP A 73 -1.11 6.73 14.93
CA ASP A 73 -1.25 8.18 15.23
C ASP A 73 -0.31 8.50 16.42
N HIS A 74 0.83 9.09 16.09
CA HIS A 74 1.90 9.42 17.06
C HIS A 74 1.66 10.80 17.70
N ALA A 75 0.66 11.50 17.26
CA ALA A 75 0.45 12.90 17.73
C ALA A 75 0.11 12.93 19.22
N VAL A 76 0.60 14.00 19.88
CA VAL A 76 0.39 14.19 21.32
C VAL A 76 -0.16 15.61 21.56
N GLY A 77 -1.30 15.68 22.24
CA GLY A 77 -1.76 17.00 22.72
C GLY A 77 -0.63 17.80 23.36
N GLY A 78 -0.49 19.06 23.02
CA GLY A 78 0.58 19.92 23.57
C GLY A 78 1.83 19.97 22.70
N ALA A 79 1.99 19.02 21.75
CA ALA A 79 3.25 18.94 21.01
C ALA A 79 3.66 20.23 20.28
N LYS A 80 4.94 20.64 20.42
CA LYS A 80 5.51 21.69 19.63
C LYS A 80 6.19 21.11 18.40
N SER A 81 6.69 21.97 17.56
CA SER A 81 7.32 21.55 16.31
C SER A 81 8.71 20.97 16.55
N GLY A 82 9.32 21.29 17.69
CA GLY A 82 10.66 20.77 17.98
C GLY A 82 10.54 19.52 18.84
N ALA A 83 11.47 19.37 19.78
CA ALA A 83 11.56 18.13 20.55
C ALA A 83 10.43 17.93 21.56
N ASP A 84 9.94 19.04 22.14
CA ASP A 84 9.16 18.95 23.37
C ASP A 84 7.71 19.50 23.28
N ASN A 85 7.07 19.64 24.44
CA ASN A 85 5.65 19.85 24.58
C ASN A 85 5.39 21.15 25.33
N TYR A 86 4.28 21.81 24.98
CA TYR A 86 3.75 22.92 25.79
C TYR A 86 3.82 22.57 27.29
N TYR A 87 3.49 21.34 27.64
CA TYR A 87 3.53 20.85 29.01
C TYR A 87 5.00 20.52 29.33
N GLY A 88 5.69 21.42 30.01
CA GLY A 88 7.14 21.28 30.21
C GLY A 88 7.52 20.04 31.02
N TRP A 89 6.62 19.69 31.91
CA TRP A 89 6.83 18.56 32.81
C TRP A 89 6.90 17.22 32.08
N MET A 90 6.54 17.17 30.79
CA MET A 90 6.69 15.90 30.08
C MET A 90 8.15 15.66 29.69
N SER A 91 8.93 16.72 29.47
CA SER A 91 10.29 16.65 28.88
C SER A 91 11.17 15.65 29.61
N ALA A 92 10.94 15.51 30.92
CA ALA A 92 11.79 14.68 31.74
C ALA A 92 11.47 13.22 31.50
N TYR A 93 10.23 12.94 31.07
CA TYR A 93 9.77 11.59 30.86
C TYR A 93 9.87 11.19 29.39
N ARG A 94 9.41 12.05 28.46
CA ARG A 94 9.44 11.74 27.02
CA ARG A 94 9.47 11.74 27.00
C ARG A 94 9.46 13.06 26.22
N HIS A 95 10.18 13.08 25.11
CA HIS A 95 10.15 14.18 24.18
C HIS A 95 9.01 13.95 23.17
N THR A 96 7.94 14.71 23.33
CA THR A 96 6.69 14.50 22.59
C THR A 96 6.40 15.60 21.56
N GLY A 97 7.30 16.51 21.29
CA GLY A 97 7.13 17.38 20.14
C GLY A 97 7.26 16.59 18.84
N LEU A 98 7.05 17.25 17.70
CA LEU A 98 7.22 16.64 16.36
C LEU A 98 8.59 15.94 16.28
N ALA A 99 9.69 16.63 16.66
CA ALA A 99 11.01 16.00 16.47
C ALA A 99 11.13 14.76 17.38
N GLY A 100 10.59 14.79 18.58
CA GLY A 100 10.53 13.65 19.50
C GLY A 100 9.76 12.47 18.96
N GLN A 101 8.61 12.77 18.34
CA GLN A 101 7.78 11.73 17.78
C GLN A 101 8.48 11.07 16.59
N VAL A 102 9.15 11.86 15.78
CA VAL A 102 9.97 11.36 14.62
C VAL A 102 11.07 10.45 15.17
N ASP A 103 11.79 10.90 16.18
CA ASP A 103 12.87 10.06 16.75
C ASP A 103 12.31 8.74 17.27
N ALA A 104 11.19 8.76 17.97
CA ALA A 104 10.63 7.59 18.56
C ALA A 104 10.12 6.61 17.47
N TYR A 105 9.54 7.14 16.40
CA TYR A 105 9.08 6.30 15.29
C TYR A 105 10.29 5.59 14.66
N LEU A 106 11.32 6.32 14.40
CA LEU A 106 12.53 5.77 13.73
C LEU A 106 13.18 4.75 14.67
N ALA A 107 13.11 4.99 15.97
CA ALA A 107 13.78 4.08 16.92
C ALA A 107 12.98 2.78 17.04
N THR A 108 11.68 2.88 16.94
CA THR A 108 10.85 1.72 16.89
C THR A 108 11.15 0.87 15.63
N LEU A 109 11.57 1.48 14.54
CA LEU A 109 11.90 0.68 13.35
C LEU A 109 13.21 -0.07 13.57
N ASP A 110 14.09 0.44 14.42
CA ASP A 110 15.26 -0.34 14.82
C ASP A 110 15.99 -0.87 13.56
N GLY A 111 16.23 0.02 12.60
CA GLY A 111 17.03 -0.30 11.40
C GLY A 111 16.20 -0.83 10.25
N LYS A 112 15.01 -1.37 10.53
CA LYS A 112 14.11 -1.92 9.52
C LYS A 112 13.55 -0.80 8.64
N PRO A 113 13.07 -1.15 7.46
CA PRO A 113 12.82 -0.07 6.52
C PRO A 113 11.52 0.69 6.83
N VAL A 114 11.56 1.95 6.52
CA VAL A 114 10.34 2.77 6.47
C VAL A 114 9.47 2.23 5.33
N ASP A 115 8.15 2.19 5.56
CA ASP A 115 7.21 1.78 4.53
C ASP A 115 7.13 2.92 3.53
N GLY A 116 7.69 2.72 2.34
CA GLY A 116 7.73 3.73 1.33
C GLY A 116 6.35 4.02 0.74
N GLN A 117 5.36 3.22 1.04
CA GLN A 117 4.00 3.46 0.57
C GLN A 117 3.20 4.23 1.62
N ALA A 118 3.67 4.29 2.87
CA ALA A 118 2.88 4.95 3.98
C ALA A 118 2.94 6.49 3.82
N LEU A 119 1.77 7.09 4.07
CA LEU A 119 1.66 8.56 4.04
C LEU A 119 2.07 9.10 5.42
N HIS A 120 3.07 9.95 5.40
CA HIS A 120 3.57 10.62 6.64
C HIS A 120 2.90 11.99 6.77
N PHE A 121 1.98 12.01 7.70
CA PHE A 121 1.06 13.18 7.90
C PHE A 121 1.62 14.04 9.05
N ILE A 122 1.81 15.29 8.80
CA ILE A 122 2.42 16.16 9.82
C ILE A 122 1.46 17.35 10.04
N PHE A 123 1.12 17.64 11.29
CA PHE A 123 0.19 18.75 11.59
C PHE A 123 0.56 19.30 12.97
N VAL A 124 1.35 20.36 12.92
CA VAL A 124 1.89 20.93 14.16
C VAL A 124 2.19 22.40 13.89
N SER A 125 2.30 23.13 15.03
CA SER A 125 2.87 24.49 15.20
C SER A 125 2.02 25.28 16.20
N ALA A 126 0.75 25.00 16.35
CA ALA A 126 -0.08 25.80 17.29
C ALA A 126 0.61 25.97 18.65
N ASN A 127 1.13 24.91 19.24
CA ASN A 127 1.66 25.05 20.60
C ASN A 127 2.92 25.90 20.61
N ASP A 128 3.65 26.03 19.51
CA ASP A 128 4.82 26.91 19.44
C ASP A 128 4.28 28.31 19.82
N PHE A 129 3.17 28.72 19.23
CA PHE A 129 2.55 30.02 19.46
C PHE A 129 1.95 30.06 20.86
N PHE A 130 1.18 29.07 21.30
CA PHE A 130 0.52 29.18 22.56
C PHE A 130 1.58 29.25 23.67
N GLU A 131 2.65 28.49 23.57
CA GLU A 131 3.66 28.52 24.67
C GLU A 131 4.32 29.90 24.68
N HIS A 132 4.62 30.41 23.51
CA HIS A 132 5.29 31.71 23.40
C HIS A 132 4.42 32.79 24.04
N GLU A 133 3.11 32.73 23.81
CA GLU A 133 2.25 33.81 24.34
C GLU A 133 2.03 33.60 25.83
N ASP A 134 1.80 32.38 26.26
CA ASP A 134 1.44 32.09 27.64
C ASP A 134 2.64 32.29 28.61
N PHE A 135 3.86 32.12 28.16
CA PHE A 135 5.05 32.12 29.06
C PHE A 135 6.02 33.23 28.63
N ALA A 136 5.47 34.24 27.95
CA ALA A 136 6.22 35.39 27.48
C ALA A 136 7.55 34.96 26.86
N GLY A 137 7.51 34.28 25.73
CA GLY A 137 8.72 33.90 24.98
C GLY A 137 9.42 35.12 24.42
N GLU A 138 10.70 34.98 24.06
CA GLU A 138 11.56 36.16 23.77
C GLU A 138 11.47 36.54 22.30
N GLN A 139 11.66 35.55 21.42
CA GLN A 139 11.70 35.76 20.00
C GLN A 139 10.57 36.72 19.59
N PRO A 140 10.85 37.64 18.66
CA PRO A 140 9.85 38.25 17.80
C PRO A 140 9.02 37.12 17.15
N LEU A 141 7.71 37.32 16.97
CA LEU A 141 6.86 36.25 16.36
C LEU A 141 7.39 35.83 14.98
N GLU A 142 8.01 36.73 14.22
CA GLU A 142 8.60 36.43 12.92
C GLU A 142 9.70 35.38 13.05
N GLN A 143 10.53 35.50 14.08
CA GLN A 143 11.59 34.53 14.38
CA GLN A 143 11.58 34.54 14.37
C GLN A 143 10.97 33.22 14.88
N LEU A 144 9.91 33.27 15.73
CA LEU A 144 9.21 32.06 16.19
C LEU A 144 8.65 31.29 14.98
N ALA A 145 8.09 32.03 14.03
CA ALA A 145 7.53 31.38 12.83
C ALA A 145 8.66 30.75 12.02
N GLY A 146 9.76 31.47 11.88
CA GLY A 146 10.90 30.91 11.15
C GLY A 146 11.37 29.61 11.80
N SER A 147 11.41 29.53 13.13
CA SER A 147 11.78 28.31 13.87
CA SER A 147 11.79 28.30 13.84
C SER A 147 10.76 27.18 13.62
N SER A 148 9.45 27.51 13.69
CA SER A 148 8.41 26.53 13.37
C SER A 148 8.63 25.93 11.97
N VAL A 149 8.85 26.75 10.98
CA VAL A 149 9.05 26.36 9.61
C VAL A 149 10.28 25.47 9.52
N ALA A 150 11.37 25.91 10.15
CA ALA A 150 12.60 25.09 10.07
C ALA A 150 12.40 23.74 10.72
N ASN A 151 11.73 23.68 11.85
CA ASN A 151 11.46 22.45 12.56
C ASN A 151 10.65 21.47 11.69
N ILE A 152 9.58 21.98 11.05
CA ILE A 152 8.76 21.10 10.24
C ILE A 152 9.56 20.63 9.02
N ARG A 153 10.26 21.53 8.34
CA ARG A 153 11.13 21.17 7.21
C ARG A 153 12.11 20.09 7.70
N ALA A 154 12.70 20.24 8.90
CA ALA A 154 13.70 19.26 9.34
C ALA A 154 13.05 17.90 9.59
N ALA A 155 11.79 17.88 10.04
CA ALA A 155 11.12 16.61 10.29
C ALA A 155 10.87 15.89 8.95
N VAL A 156 10.44 16.61 7.92
CA VAL A 156 10.22 16.00 6.63
C VAL A 156 11.56 15.45 6.10
N GLN A 157 12.60 16.26 6.29
CA GLN A 157 13.94 15.87 5.78
C GLN A 157 14.41 14.61 6.48
N ARG A 158 14.23 14.53 7.81
CA ARG A 158 14.69 13.39 8.60
C ARG A 158 13.87 12.14 8.26
N LEU A 159 12.54 12.27 8.05
CA LEU A 159 11.74 11.13 7.68
C LEU A 159 12.12 10.65 6.26
N GLY A 160 12.32 11.57 5.33
CA GLY A 160 12.75 11.28 3.96
C GLY A 160 14.09 10.56 3.95
N GLU A 161 15.02 11.09 4.72
CA GLU A 161 16.36 10.47 4.92
C GLU A 161 16.25 8.98 5.26
N ALA A 162 15.33 8.60 6.12
CA ALA A 162 15.12 7.27 6.65
C ALA A 162 14.38 6.39 5.66
N GLY A 163 13.77 7.03 4.65
CA GLY A 163 13.12 6.31 3.55
C GLY A 163 11.68 6.71 3.34
N ALA A 164 11.14 7.68 4.06
CA ALA A 164 9.73 8.04 3.76
C ALA A 164 9.71 8.73 2.40
N ARG A 165 8.61 8.47 1.63
CA ARG A 165 8.48 9.04 0.30
C ARG A 165 7.19 9.86 0.13
N ARG A 166 6.23 9.68 0.99
CA ARG A 166 4.94 10.32 0.84
C ARG A 166 4.57 11.11 2.09
N PHE A 167 4.18 12.37 1.86
CA PHE A 167 3.87 13.29 2.95
C PHE A 167 2.57 14.04 2.67
N LEU A 168 1.93 14.37 3.77
CA LEU A 168 0.87 15.43 3.75
C LEU A 168 1.19 16.35 4.95
N VAL A 169 1.47 17.60 4.63
CA VAL A 169 1.79 18.55 5.69
C VAL A 169 0.65 19.57 5.76
N VAL A 170 0.12 19.69 6.97
CA VAL A 170 -1.02 20.65 7.24
C VAL A 170 -0.42 22.01 7.61
N SER A 171 -0.98 23.07 7.07
CA SER A 171 -0.57 24.47 7.39
C SER A 171 -0.88 24.76 8.85
N SER A 172 -0.45 25.97 9.30
CA SER A 172 -1.07 26.50 10.50
C SER A 172 -2.58 26.58 10.32
N THR A 173 -3.30 26.24 11.36
CA THR A 173 -4.73 26.60 11.48
C THR A 173 -4.86 28.11 11.66
N ASP A 174 -6.09 28.57 11.58
CA ASP A 174 -6.37 29.99 11.89
C ASP A 174 -6.43 30.19 13.38
N LEU A 175 -5.25 30.41 13.94
CA LEU A 175 -5.11 30.68 15.34
C LEU A 175 -5.80 31.97 15.78
N SER A 176 -6.03 32.84 14.83
CA SER A 176 -6.63 34.12 15.12
C SER A 176 -8.10 34.02 15.52
N VAL A 177 -8.80 32.92 15.28
CA VAL A 177 -10.18 32.80 15.63
C VAL A 177 -10.38 31.81 16.77
N VAL A 178 -9.29 31.23 17.35
CA VAL A 178 -9.37 30.34 18.46
C VAL A 178 -9.97 31.10 19.66
N PRO A 179 -10.89 30.51 20.41
CA PRO A 179 -11.59 31.28 21.48
C PRO A 179 -10.61 31.78 22.55
N ALA A 180 -9.60 31.01 22.88
CA ALA A 180 -8.59 31.43 23.89
C ALA A 180 -7.75 32.59 23.37
N VAL A 181 -7.43 32.67 22.07
CA VAL A 181 -6.67 33.74 21.49
C VAL A 181 -7.50 35.04 21.52
N VAL A 182 -8.76 34.94 21.12
CA VAL A 182 -9.69 36.05 21.14
C VAL A 182 -9.79 36.57 22.59
N ALA A 183 -9.97 35.71 23.57
CA ALA A 183 -10.13 36.08 25.00
C ALA A 183 -8.82 36.71 25.52
N GLY A 184 -7.69 36.32 24.94
CA GLY A 184 -6.41 36.94 25.35
C GLY A 184 -6.07 38.23 24.57
N ASN A 185 -6.96 38.73 23.73
CA ASN A 185 -6.77 39.86 22.91
C ASN A 185 -5.48 39.77 22.06
N ARG A 186 -5.29 38.57 21.44
CA ARG A 186 -4.07 38.23 20.72
C ARG A 186 -4.38 37.87 19.24
N VAL A 187 -5.46 38.40 18.71
CA VAL A 187 -5.88 38.09 17.34
C VAL A 187 -4.79 38.57 16.35
N GLU A 188 -4.23 39.80 16.44
CA GLU A 188 -3.28 40.28 15.50
C GLU A 188 -1.97 39.48 15.59
N ARG A 189 -1.54 39.17 16.79
CA ARG A 189 -0.30 38.40 16.93
C ARG A 189 -0.48 37.02 16.26
N ALA A 190 -1.61 36.38 16.51
CA ALA A 190 -1.91 35.05 15.83
C ALA A 190 -1.90 35.20 14.32
N GLN A 191 -2.55 36.26 13.76
CA GLN A 191 -2.59 36.55 12.34
C GLN A 191 -1.17 36.63 11.78
N ARG A 192 -0.31 37.35 12.48
CA ARG A 192 1.04 37.61 12.05
C ARG A 192 1.89 36.33 12.07
N TYR A 193 1.79 35.56 13.15
CA TYR A 193 2.49 34.29 13.28
C TYR A 193 2.02 33.33 12.16
N LEU A 194 0.73 33.12 12.04
CA LEU A 194 0.25 32.05 11.13
C LEU A 194 0.54 32.45 9.70
N GLN A 195 0.47 33.75 9.33
CA GLN A 195 0.79 34.19 7.96
C GLN A 195 2.26 33.91 7.65
N ALA A 196 3.15 34.16 8.60
CA ALA A 196 4.54 33.91 8.41
C ALA A 196 4.81 32.41 8.19
N VAL A 197 4.26 31.55 9.02
CA VAL A 197 4.43 30.12 8.80
C VAL A 197 3.91 29.73 7.43
N ASN A 198 2.70 30.16 7.08
CA ASN A 198 2.02 29.64 5.92
C ASN A 198 2.58 30.22 4.64
N ALA A 199 3.29 31.35 4.70
CA ALA A 199 3.92 31.87 3.48
C ALA A 199 5.23 31.10 3.20
N SER A 200 5.96 30.80 4.23
CA SER A 200 7.30 30.26 4.09
C SER A 200 7.31 28.74 3.89
N LEU A 201 6.52 28.01 4.70
CA LEU A 201 6.65 26.57 4.79
C LEU A 201 6.38 25.90 3.45
N PRO A 202 5.33 26.25 2.71
CA PRO A 202 5.11 25.54 1.46
C PRO A 202 6.25 25.76 0.44
N ILE A 203 6.90 26.92 0.47
CA ILE A 203 8.01 27.16 -0.45
C ILE A 203 9.15 26.23 -0.06
N GLN A 204 9.43 26.09 1.23
CA GLN A 204 10.54 25.23 1.69
CA GLN A 204 10.56 25.23 1.64
C GLN A 204 10.22 23.76 1.38
N LEU A 205 8.97 23.38 1.58
CA LEU A 205 8.60 21.98 1.33
C LEU A 205 8.63 21.70 -0.18
N ALA A 206 8.25 22.65 -1.05
CA ALA A 206 8.26 22.36 -2.48
C ALA A 206 9.70 22.08 -2.91
N ALA A 207 10.66 22.81 -2.33
CA ALA A 207 12.08 22.59 -2.71
C ALA A 207 12.55 21.22 -2.21
N LEU A 208 12.19 20.86 -1.01
CA LEU A 208 12.57 19.59 -0.48
C LEU A 208 11.92 18.46 -1.28
N ARG A 209 10.64 18.61 -1.64
CA ARG A 209 9.93 17.64 -2.46
C ARG A 209 10.72 17.36 -3.73
N LYS A 210 11.12 18.43 -4.38
CA LYS A 210 11.79 18.35 -5.69
C LYS A 210 13.17 17.68 -5.52
N THR A 211 13.91 18.09 -4.52
CA THR A 211 15.25 17.54 -4.28
C THR A 211 15.22 16.04 -4.00
N ARG A 212 14.28 15.57 -3.19
CA ARG A 212 14.31 14.18 -2.73
C ARG A 212 13.32 13.27 -3.48
N GLY A 213 12.70 13.78 -4.52
CA GLY A 213 11.66 13.07 -5.29
C GLY A 213 10.52 12.61 -4.40
N LEU A 214 9.97 13.50 -3.58
CA LEU A 214 8.90 13.07 -2.64
C LEU A 214 7.53 13.35 -3.28
N GLU A 215 6.54 12.63 -2.83
CA GLU A 215 5.10 13.04 -3.02
C GLU A 215 4.77 13.84 -1.76
N LEU A 216 4.53 15.14 -1.92
CA LEU A 216 4.21 15.93 -0.75
C LEU A 216 3.03 16.84 -1.05
N SER A 217 1.96 16.62 -0.30
CA SER A 217 0.79 17.44 -0.45
CA SER A 217 0.68 17.38 -0.40
C SER A 217 0.71 18.44 0.70
N TRP A 218 0.40 19.67 0.36
CA TRP A 218 0.24 20.75 1.34
C TRP A 218 -1.24 21.01 1.55
N PHE A 219 -1.75 20.88 2.78
CA PHE A 219 -3.16 21.19 3.09
C PHE A 219 -3.29 22.56 3.76
N ASP A 220 -3.93 23.49 3.08
CA ASP A 220 -4.09 24.84 3.61
C ASP A 220 -5.32 24.90 4.47
N HIS A 221 -5.13 24.72 5.76
CA HIS A 221 -6.19 24.66 6.72
C HIS A 221 -6.83 26.05 6.89
N LEU A 222 -6.03 27.12 6.66
CA LEU A 222 -6.58 28.49 6.79
C LEU A 222 -7.60 28.74 5.68
N THR A 223 -7.29 28.35 4.45
CA THR A 223 -8.26 28.50 3.35
C THR A 223 -9.51 27.67 3.65
N PHE A 224 -9.31 26.44 4.10
CA PHE A 224 -10.39 25.58 4.47
C PHE A 224 -11.30 26.23 5.52
N SER A 225 -10.75 26.76 6.61
CA SER A 225 -11.58 27.33 7.68
C SER A 225 -12.23 28.63 7.22
N ARG A 226 -11.51 29.44 6.43
CA ARG A 226 -12.11 30.69 5.95
C ARG A 226 -13.36 30.34 5.15
N HIS A 227 -13.28 29.32 4.30
CA HIS A 227 -14.42 29.05 3.44
C HIS A 227 -15.58 28.55 4.31
N LEU A 228 -15.35 27.70 5.33
CA LEU A 228 -16.37 27.22 6.18
C LEU A 228 -17.04 28.37 6.93
N ARG A 229 -16.20 29.28 7.46
CA ARG A 229 -16.67 30.30 8.43
C ARG A 229 -17.35 31.45 7.67
N ARG A 230 -17.11 31.56 6.38
CA ARG A 230 -17.81 32.55 5.54
C ARG A 230 -19.21 32.03 5.14
N ASN A 231 -19.40 30.72 5.03
CA ASN A 231 -20.61 30.08 4.46
C ASN A 231 -21.13 29.03 5.46
N PRO A 232 -21.31 29.40 6.74
CA PRO A 232 -21.52 28.36 7.71
C PRO A 232 -22.80 27.51 7.54
N ALA A 233 -23.86 28.17 7.08
CA ALA A 233 -25.16 27.54 6.92
C ALA A 233 -25.08 26.37 5.93
N ARG A 234 -24.28 26.52 4.91
CA ARG A 234 -24.03 25.46 3.92
C ARG A 234 -23.62 24.16 4.61
N TYR A 235 -22.83 24.25 5.69
CA TYR A 235 -22.26 23.08 6.36
C TYR A 235 -23.00 22.74 7.64
N GLY A 236 -24.09 23.47 7.90
CA GLY A 236 -24.90 23.20 9.04
C GLY A 236 -24.34 23.76 10.33
N LEU A 237 -23.40 24.68 10.21
CA LEU A 237 -22.90 25.32 11.41
C LEU A 237 -23.69 26.60 11.69
N VAL A 238 -23.81 26.86 12.98
CA VAL A 238 -24.53 28.04 13.52
C VAL A 238 -23.63 28.89 14.43
N GLU A 239 -22.91 28.29 15.38
CA GLU A 239 -22.10 29.08 16.33
C GLU A 239 -20.59 28.87 16.05
N LEU A 240 -19.98 29.95 15.60
CA LEU A 240 -18.57 29.89 15.16
C LEU A 240 -17.56 30.26 16.26
N ASP A 241 -18.00 30.90 17.33
CA ASP A 241 -17.07 31.53 18.27
C ASP A 241 -17.15 31.00 19.68
N ALA A 242 -18.32 30.67 20.17
CA ALA A 242 -18.44 30.18 21.50
C ALA A 242 -18.09 28.69 21.55
N PRO A 243 -17.31 28.30 22.54
CA PRO A 243 -17.12 26.89 22.78
C PRO A 243 -18.42 26.14 23.16
N CYS A 244 -18.67 24.99 22.53
CA CYS A 244 -19.78 24.15 22.93
C CYS A 244 -19.64 23.73 24.39
N GLN A 245 -18.39 23.42 24.76
CA GLN A 245 -18.04 22.88 26.05
C GLN A 245 -17.04 23.81 26.74
N PRO A 246 -17.54 24.87 27.40
CA PRO A 246 -16.65 25.81 28.07
C PRO A 246 -15.85 25.12 29.18
N THR A 247 -14.59 25.54 29.34
CA THR A 247 -13.71 24.99 30.40
C THR A 247 -13.05 26.12 31.20
N GLN A 248 -13.15 27.37 30.74
CA GLN A 248 -12.49 28.52 31.40
C GLN A 248 -13.53 29.62 31.66
N PRO A 249 -13.59 30.14 32.90
CA PRO A 249 -12.70 29.81 34.01
C PRO A 249 -12.97 28.39 34.54
N SER A 250 -14.15 27.83 34.26
CA SER A 250 -14.42 26.49 34.75
C SER A 250 -15.38 25.77 33.80
N VAL A 251 -15.40 24.46 33.97
CA VAL A 251 -16.27 23.57 33.18
C VAL A 251 -17.73 23.97 33.42
N ARG A 252 -18.46 24.17 32.32
CA ARG A 252 -19.91 24.43 32.33
C ARG A 252 -20.59 23.34 31.48
N PRO A 253 -21.94 23.34 31.44
CA PRO A 253 -22.69 22.39 30.62
C PRO A 253 -22.41 22.57 29.12
N ALA A 254 -22.25 21.45 28.42
CA ALA A 254 -22.04 21.48 26.97
C ALA A 254 -23.34 21.87 26.26
N CYS A 255 -23.17 22.48 25.09
CA CYS A 255 -24.26 22.95 24.27
C CYS A 255 -25.09 21.75 23.80
N ALA A 256 -26.31 22.03 23.36
CA ALA A 256 -27.29 21.01 23.00
C ALA A 256 -26.95 20.36 21.65
N ASN A 257 -26.43 21.18 20.76
CA ASN A 257 -26.31 20.86 19.35
C ASN A 257 -24.84 20.98 18.93
N PRO A 258 -23.95 20.11 19.40
CA PRO A 258 -22.50 20.25 19.09
C PRO A 258 -22.14 20.22 17.59
N ASP A 259 -22.91 19.53 16.77
CA ASP A 259 -22.62 19.54 15.34
C ASP A 259 -22.95 20.84 14.65
N GLN A 260 -23.57 21.77 15.40
CA GLN A 260 -23.79 23.11 14.88
C GLN A 260 -22.70 24.08 15.37
N TYR A 261 -21.74 23.58 16.16
CA TYR A 261 -20.65 24.44 16.73
C TYR A 261 -19.30 24.15 16.06
N TYR A 262 -18.58 25.22 15.79
CA TYR A 262 -17.16 25.15 15.31
C TYR A 262 -16.21 24.69 16.41
N PHE A 263 -16.31 25.23 17.66
CA PHE A 263 -15.36 24.92 18.71
C PHE A 263 -15.96 24.04 19.79
N TRP A 264 -15.20 23.02 20.19
CA TRP A 264 -15.56 22.25 21.30
C TRP A 264 -15.17 22.99 22.61
N ASP A 265 -13.86 23.15 22.87
CA ASP A 265 -13.38 23.92 24.04
C ASP A 265 -12.76 25.18 23.49
N GLU A 266 -11.95 25.89 24.29
CA GLU A 266 -11.48 27.16 23.87
C GLU A 266 -10.27 27.09 22.92
N TRP A 267 -9.82 25.85 22.57
CA TRP A 267 -8.67 25.71 21.65
C TRP A 267 -8.95 24.75 20.49
N HIS A 268 -9.96 23.91 20.63
CA HIS A 268 -10.03 22.72 19.75
C HIS A 268 -11.39 22.71 19.06
N PRO A 269 -11.41 22.32 17.76
CA PRO A 269 -12.66 22.26 17.02
C PRO A 269 -13.47 21.03 17.42
N THR A 270 -14.75 21.07 17.06
CA THR A 270 -15.67 19.94 17.26
C THR A 270 -15.42 18.80 16.25
N ARG A 271 -16.05 17.69 16.55
CA ARG A 271 -16.00 16.50 15.68
C ARG A 271 -16.52 16.86 14.29
N ARG A 272 -17.48 17.78 14.22
CA ARG A 272 -18.03 18.19 12.90
C ARG A 272 -16.99 18.86 12.03
N VAL A 273 -16.24 19.80 12.63
CA VAL A 273 -15.21 20.48 11.91
C VAL A 273 -14.07 19.47 11.56
N HIS A 274 -13.73 18.62 12.50
CA HIS A 274 -12.68 17.57 12.22
C HIS A 274 -13.14 16.73 11.01
N GLN A 275 -14.43 16.41 10.96
CA GLN A 275 -15.01 15.61 9.80
C GLN A 275 -14.83 16.35 8.50
N LEU A 276 -15.24 17.62 8.49
CA LEU A 276 -15.10 18.40 7.30
C LEU A 276 -13.63 18.53 6.88
N ALA A 277 -12.74 18.69 7.89
CA ALA A 277 -11.34 18.84 7.61
C ALA A 277 -10.71 17.57 6.99
N GLY A 278 -11.06 16.46 7.63
CA GLY A 278 -10.65 15.11 7.13
C GLY A 278 -11.12 14.85 5.71
N GLU A 279 -12.38 15.21 5.43
CA GLU A 279 -12.89 15.03 4.07
C GLU A 279 -12.11 15.92 3.11
N ALA A 280 -11.82 17.19 3.49
CA ALA A 280 -11.06 18.09 2.62
C ALA A 280 -9.64 17.56 2.36
N MET A 281 -9.02 17.05 3.42
CA MET A 281 -7.66 16.50 3.30
C MET A 281 -7.65 15.28 2.36
N ALA A 282 -8.67 14.46 2.47
CA ALA A 282 -8.80 13.26 1.61
C ALA A 282 -9.03 13.63 0.16
N ALA A 283 -9.45 14.83 -0.17
CA ALA A 283 -9.85 15.18 -1.56
C ALA A 283 -8.70 15.09 -2.56
N ARG A 284 -7.44 15.13 -2.16
CA ARG A 284 -6.34 15.07 -3.10
C ARG A 284 -5.99 13.63 -3.53
N TYR A 285 -6.61 12.63 -2.91
CA TYR A 285 -6.20 11.21 -3.04
C TYR A 285 -7.36 10.38 -3.61
N ALA A 286 -6.98 9.42 -4.43
CA ALA A 286 -7.92 8.39 -4.85
C ALA A 286 -8.20 7.44 -3.71
N ARG A 287 -9.39 6.90 -3.62
CA ARG A 287 -9.72 5.83 -2.65
C ARG A 287 -9.12 4.48 -3.07
N THR B 2 20.80 0.44 -15.03
CA THR B 2 19.45 0.18 -14.42
C THR B 2 18.73 1.52 -14.14
N SER B 3 17.40 1.48 -14.17
CA SER B 3 16.55 2.63 -13.84
C SER B 3 16.10 2.56 -12.37
N PRO B 4 15.40 3.61 -11.89
CA PRO B 4 14.98 3.58 -10.47
C PRO B 4 14.08 2.38 -10.18
N LEU B 5 14.21 1.81 -9.02
CA LEU B 5 13.29 0.73 -8.58
C LEU B 5 11.88 1.27 -8.49
N LEU B 6 10.93 0.37 -8.72
CA LEU B 6 9.56 0.73 -8.60
C LEU B 6 9.20 0.82 -7.12
N ALA B 7 8.05 1.47 -6.87
CA ALA B 7 7.57 1.64 -5.49
C ALA B 7 7.24 0.32 -4.82
N PRO B 8 7.22 0.29 -3.50
CA PRO B 8 6.97 -0.90 -2.76
C PRO B 8 5.57 -1.50 -3.06
N VAL B 9 5.42 -2.77 -2.72
CA VAL B 9 4.21 -3.55 -2.92
C VAL B 9 3.78 -4.16 -1.59
N ARG B 10 2.51 -3.94 -1.28
CA ARG B 10 1.96 -4.45 -0.06
C ARG B 10 0.86 -5.48 -0.26
N GLN B 11 0.30 -5.55 -1.48
CA GLN B 11 -0.72 -6.53 -1.79
C GLN B 11 -0.54 -6.97 -3.24
N ILE B 12 -0.52 -8.29 -3.44
CA ILE B 12 -0.48 -8.88 -4.77
C ILE B 12 -1.79 -9.62 -5.00
N HIS B 13 -2.34 -9.46 -6.18
CA HIS B 13 -3.38 -10.34 -6.73
C HIS B 13 -2.75 -11.10 -7.89
N ALA B 14 -2.65 -12.40 -7.77
CA ALA B 14 -1.97 -13.23 -8.77
C ALA B 14 -2.96 -14.01 -9.61
N PHE B 15 -2.73 -14.06 -10.94
CA PHE B 15 -3.51 -14.72 -11.90
C PHE B 15 -2.63 -15.59 -12.77
N GLY B 16 -3.02 -16.82 -13.07
CA GLY B 16 -2.18 -17.69 -13.82
C GLY B 16 -2.45 -19.18 -13.65
N ASP B 17 -1.38 -19.94 -13.79
CA ASP B 17 -1.47 -21.38 -13.98
C ASP B 17 -0.74 -22.11 -12.80
N ALA B 18 -0.34 -23.37 -13.04
CA ALA B 18 0.39 -24.12 -12.02
C ALA B 18 1.72 -23.53 -11.64
N TYR B 19 2.29 -22.61 -12.47
CA TYR B 19 3.53 -22.01 -12.06
C TYR B 19 3.34 -20.94 -10.96
N SER B 20 2.09 -20.67 -10.61
CA SER B 20 1.74 -19.73 -9.57
C SER B 20 0.79 -20.32 -8.48
N ASP B 21 -0.13 -21.24 -8.87
CA ASP B 21 -1.21 -21.81 -7.96
C ASP B 21 -0.62 -22.16 -6.58
N ASN B 22 -1.26 -21.62 -5.53
CA ASN B 22 -0.85 -21.98 -4.16
C ASN B 22 -1.95 -22.75 -3.44
N GLY B 23 -2.86 -23.33 -4.12
CA GLY B 23 -3.90 -24.22 -3.47
C GLY B 23 -5.22 -24.20 -4.20
N GLU B 24 -5.46 -23.36 -5.20
CA GLU B 24 -6.79 -23.25 -5.79
C GLU B 24 -7.17 -24.49 -6.57
N SER B 25 -6.28 -25.08 -7.38
CA SER B 25 -6.67 -26.31 -8.09
C SER B 25 -7.08 -27.39 -7.07
N GLN B 26 -6.37 -27.44 -5.98
CA GLN B 26 -6.70 -28.49 -4.98
C GLN B 26 -8.08 -28.19 -4.41
N ARG B 27 -8.32 -26.97 -4.02
CA ARG B 27 -9.63 -26.60 -3.44
C ARG B 27 -10.73 -26.87 -4.44
N LEU B 28 -10.59 -26.42 -5.69
CA LEU B 28 -11.58 -26.53 -6.64
C LEU B 28 -11.84 -27.96 -7.07
N THR B 29 -10.81 -28.77 -7.25
CA THR B 29 -11.03 -30.15 -7.67
C THR B 29 -11.66 -30.90 -6.47
N ARG B 30 -11.35 -30.59 -5.24
CA ARG B 30 -12.09 -31.28 -4.14
CA ARG B 30 -12.09 -31.28 -4.15
C ARG B 30 -13.56 -30.90 -4.23
N GLU B 31 -13.89 -29.64 -4.55
CA GLU B 31 -15.25 -29.25 -4.67
C GLU B 31 -15.92 -29.98 -5.82
N MET B 32 -15.22 -30.12 -6.94
CA MET B 32 -15.80 -30.76 -8.09
C MET B 32 -16.03 -32.27 -7.83
N LEU B 33 -15.07 -32.91 -7.16
CA LEU B 33 -15.25 -34.34 -6.82
C LEU B 33 -16.46 -34.51 -5.89
N ALA B 34 -16.60 -33.62 -4.91
CA ALA B 34 -17.76 -33.68 -3.95
C ALA B 34 -19.07 -33.61 -4.73
N LYS B 35 -19.10 -32.80 -5.78
CA LYS B 35 -20.31 -32.55 -6.52
C LYS B 35 -20.53 -33.65 -7.57
N GLY B 36 -19.58 -34.53 -7.79
CA GLY B 36 -19.72 -35.60 -8.81
C GLY B 36 -19.53 -35.12 -10.23
N ILE B 37 -18.78 -34.05 -10.44
CA ILE B 37 -18.54 -33.55 -11.79
C ILE B 37 -17.87 -34.63 -12.63
N ALA B 38 -18.41 -34.86 -13.84
CA ALA B 38 -17.90 -35.88 -14.71
C ALA B 38 -16.46 -35.55 -15.12
N GLY B 39 -15.59 -36.54 -14.95
CA GLY B 39 -14.20 -36.52 -15.35
C GLY B 39 -13.27 -35.85 -14.35
N ALA B 40 -13.81 -35.35 -13.25
CA ALA B 40 -12.95 -34.71 -12.26
C ALA B 40 -11.91 -35.67 -11.69
N GLN B 41 -10.78 -35.09 -11.31
CA GLN B 41 -9.63 -35.73 -10.75
C GLN B 41 -9.09 -34.85 -9.63
N ALA B 42 -8.54 -35.45 -8.58
CA ALA B 42 -7.89 -34.69 -7.54
C ALA B 42 -6.56 -34.18 -8.08
N LEU B 43 -6.45 -32.87 -8.10
CA LEU B 43 -5.20 -32.22 -8.49
C LEU B 43 -4.66 -31.40 -7.33
N PRO B 44 -3.32 -31.22 -7.26
CA PRO B 44 -2.37 -31.74 -8.21
C PRO B 44 -2.07 -33.22 -8.04
N GLY B 45 -2.32 -33.71 -6.83
CA GLY B 45 -2.08 -35.15 -6.52
C GLY B 45 -1.22 -35.29 -5.29
N GLU B 46 -0.76 -36.52 -5.10
CA GLU B 46 -0.19 -36.92 -3.85
C GLU B 46 1.30 -36.53 -3.74
N VAL B 47 2.01 -36.47 -4.87
CA VAL B 47 3.48 -36.24 -4.83
C VAL B 47 3.79 -34.76 -4.99
N TYR B 48 3.00 -33.90 -4.33
CA TYR B 48 3.11 -32.45 -4.37
C TYR B 48 3.01 -31.87 -2.96
N TRP B 49 3.59 -30.74 -2.74
CA TRP B 49 3.68 -30.05 -1.48
C TRP B 49 2.47 -29.12 -1.29
N GLN B 50 1.55 -29.46 -0.37
CA GLN B 50 0.52 -28.55 0.13
C GLN B 50 -0.28 -27.92 -1.04
N GLY B 51 -0.60 -28.73 -2.03
CA GLY B 51 -1.47 -28.33 -3.14
C GLY B 51 -0.73 -27.51 -4.20
N ARG B 52 0.51 -27.24 -4.00
CA ARG B 52 1.30 -26.57 -5.08
C ARG B 52 1.76 -27.63 -6.05
N TRP B 53 1.89 -27.27 -7.36
CA TRP B 53 2.36 -28.21 -8.35
C TRP B 53 3.89 -28.18 -8.37
N SER B 54 4.49 -28.47 -7.23
CA SER B 54 5.93 -28.44 -7.00
C SER B 54 6.18 -29.04 -5.61
N ASN B 55 7.41 -28.90 -5.14
CA ASN B 55 7.77 -29.44 -3.80
C ASN B 55 7.86 -28.29 -2.77
N GLY B 56 7.37 -27.09 -3.11
CA GLY B 56 7.49 -25.95 -2.27
C GLY B 56 6.72 -24.77 -2.89
N PRO B 57 6.82 -23.63 -2.29
CA PRO B 57 6.13 -22.41 -2.69
C PRO B 57 6.48 -22.03 -4.15
N THR B 58 5.48 -21.53 -4.87
CA THR B 58 5.72 -21.00 -6.23
C THR B 58 6.38 -19.63 -6.20
N ALA B 59 6.82 -19.23 -7.38
CA ALA B 59 7.58 -18.00 -7.53
C ALA B 59 6.82 -16.80 -6.97
N VAL B 60 5.52 -16.70 -7.19
CA VAL B 60 4.82 -15.51 -6.75
C VAL B 60 4.72 -15.48 -5.21
N GLU B 61 4.69 -16.67 -4.63
CA GLU B 61 4.70 -16.71 -3.11
C GLU B 61 6.03 -16.14 -2.60
N VAL B 62 7.14 -16.50 -3.27
CA VAL B 62 8.46 -16.02 -2.86
C VAL B 62 8.54 -14.50 -3.11
N LEU B 63 7.99 -14.05 -4.25
CA LEU B 63 7.96 -12.63 -4.59
C LEU B 63 7.25 -11.87 -3.45
N ALA B 64 6.10 -12.38 -3.04
CA ALA B 64 5.36 -11.66 -1.99
C ALA B 64 6.20 -11.58 -0.69
N ARG B 65 6.85 -12.67 -0.33
CA ARG B 65 7.72 -12.70 0.87
C ARG B 65 8.83 -11.66 0.73
N GLN B 66 9.45 -11.63 -0.42
CA GLN B 66 10.56 -10.74 -0.67
C GLN B 66 10.14 -9.28 -0.54
N LEU B 67 8.96 -8.93 -1.05
CA LEU B 67 8.53 -7.54 -1.13
C LEU B 67 7.78 -7.09 0.13
N GLY B 68 7.47 -8.00 1.01
CA GLY B 68 6.68 -7.67 2.24
C GLY B 68 5.24 -7.42 1.87
N ALA B 69 4.68 -8.26 1.01
CA ALA B 69 3.31 -8.14 0.52
C ALA B 69 2.44 -9.34 0.94
N GLN B 70 1.18 -9.07 1.17
CA GLN B 70 0.16 -10.08 1.27
CA GLN B 70 0.16 -10.07 1.27
C GLN B 70 -0.16 -10.58 -0.15
N LEU B 71 -0.52 -11.83 -0.27
CA LEU B 71 -0.86 -12.46 -1.57
C LEU B 71 -2.24 -13.07 -1.57
N ALA B 72 -3.06 -12.69 -2.54
CA ALA B 72 -4.25 -13.28 -2.96
C ALA B 72 -3.99 -14.02 -4.28
N ASP B 73 -3.93 -15.35 -4.25
CA ASP B 73 -3.39 -16.09 -5.42
C ASP B 73 -4.51 -16.80 -6.07
N HIS B 74 -5.03 -16.27 -7.17
CA HIS B 74 -6.15 -16.76 -7.88
C HIS B 74 -5.79 -17.81 -8.92
N ALA B 75 -4.50 -18.03 -9.13
CA ALA B 75 -4.03 -18.93 -10.18
C ALA B 75 -4.49 -20.37 -9.99
N VAL B 76 -4.74 -21.08 -11.07
CA VAL B 76 -5.26 -22.43 -11.06
C VAL B 76 -4.43 -23.30 -11.99
N GLY B 77 -3.91 -24.42 -11.56
CA GLY B 77 -3.24 -25.31 -12.42
C GLY B 77 -4.06 -25.69 -13.60
N GLY B 78 -3.43 -25.67 -14.80
CA GLY B 78 -4.11 -25.98 -16.03
C GLY B 78 -4.65 -24.75 -16.77
N ALA B 79 -4.68 -23.61 -16.09
CA ALA B 79 -5.33 -22.40 -16.69
C ALA B 79 -4.71 -22.01 -18.04
N LYS B 80 -5.62 -21.80 -18.95
CA LYS B 80 -5.24 -21.15 -20.25
C LYS B 80 -5.38 -19.65 -20.13
N SER B 81 -4.92 -18.97 -21.21
CA SER B 81 -4.95 -17.48 -21.24
C SER B 81 -6.36 -16.93 -21.42
N GLY B 82 -7.25 -17.74 -21.97
CA GLY B 82 -8.63 -17.36 -22.13
C GLY B 82 -9.49 -17.78 -20.92
N ALA B 83 -10.72 -18.21 -21.19
CA ALA B 83 -11.69 -18.49 -20.12
C ALA B 83 -11.46 -19.81 -19.40
N ASP B 84 -10.92 -20.80 -20.08
CA ASP B 84 -10.97 -22.15 -19.59
C ASP B 84 -9.63 -22.78 -19.34
N ASN B 85 -9.64 -24.07 -19.03
CA ASN B 85 -8.51 -24.80 -18.53
C ASN B 85 -8.15 -25.95 -19.47
N TYR B 86 -6.87 -26.34 -19.45
CA TYR B 86 -6.43 -27.56 -20.08
C TYR B 86 -7.39 -28.73 -19.76
N TYR B 87 -7.78 -28.81 -18.49
CA TYR B 87 -8.79 -29.79 -18.08
C TYR B 87 -10.19 -29.32 -18.49
N GLY B 88 -10.68 -29.89 -19.57
CA GLY B 88 -11.91 -29.40 -20.14
C GLY B 88 -13.11 -29.66 -19.25
N TRP B 89 -13.02 -30.74 -18.47
CA TRP B 89 -14.10 -31.12 -17.54
C TRP B 89 -14.35 -30.09 -16.45
N MET B 90 -13.43 -29.18 -16.19
CA MET B 90 -13.68 -28.13 -15.27
C MET B 90 -14.69 -27.11 -15.77
N SER B 91 -14.83 -26.90 -17.08
CA SER B 91 -15.64 -25.78 -17.60
C SER B 91 -17.11 -25.82 -17.12
N ALA B 92 -17.64 -27.00 -16.87
CA ALA B 92 -19.06 -27.16 -16.41
C ALA B 92 -19.28 -26.60 -15.00
N TYR B 93 -18.21 -26.52 -14.20
CA TYR B 93 -18.28 -26.01 -12.90
C TYR B 93 -17.83 -24.55 -12.84
N ARG B 94 -16.65 -24.23 -13.43
CA ARG B 94 -16.11 -22.90 -13.30
CA ARG B 94 -16.08 -22.92 -13.28
C ARG B 94 -15.14 -22.65 -14.47
N HIS B 95 -15.10 -21.40 -14.87
CA HIS B 95 -14.14 -20.93 -15.90
C HIS B 95 -12.87 -20.48 -15.16
N THR B 96 -11.81 -21.29 -15.24
CA THR B 96 -10.60 -21.11 -14.45
C THR B 96 -9.37 -20.66 -15.24
N GLY B 97 -9.58 -20.32 -16.52
CA GLY B 97 -8.48 -19.64 -17.30
C GLY B 97 -8.34 -18.25 -16.77
N LEU B 98 -7.27 -17.54 -17.27
CA LEU B 98 -6.99 -16.19 -16.83
C LEU B 98 -8.25 -15.31 -16.94
N ALA B 99 -8.98 -15.40 -18.05
CA ALA B 99 -10.17 -14.53 -18.20
C ALA B 99 -11.24 -14.81 -17.14
N GLY B 100 -11.34 -16.09 -16.83
CA GLY B 100 -12.28 -16.51 -15.75
C GLY B 100 -11.87 -16.05 -14.38
N GLN B 101 -10.57 -16.10 -14.12
CA GLN B 101 -10.05 -15.60 -12.86
C GLN B 101 -10.27 -14.11 -12.71
N VAL B 102 -10.04 -13.39 -13.82
CA VAL B 102 -10.26 -11.92 -13.78
C VAL B 102 -11.76 -11.62 -13.54
N ASP B 103 -12.61 -12.33 -14.21
CA ASP B 103 -14.08 -12.19 -14.00
C ASP B 103 -14.41 -12.41 -12.53
N ALA B 104 -13.88 -13.49 -11.97
CA ALA B 104 -14.28 -13.81 -10.58
C ALA B 104 -13.71 -12.82 -9.58
N TYR B 105 -12.48 -12.35 -9.77
CA TYR B 105 -11.92 -11.26 -9.00
C TYR B 105 -12.75 -9.97 -9.09
N LEU B 106 -13.21 -9.60 -10.27
CA LEU B 106 -13.95 -8.33 -10.36
C LEU B 106 -15.35 -8.51 -9.76
N ALA B 107 -15.87 -9.73 -9.82
CA ALA B 107 -17.28 -9.98 -9.36
C ALA B 107 -17.31 -10.18 -7.86
N THR B 108 -16.20 -10.30 -7.18
CA THR B 108 -16.15 -10.54 -5.75
C THR B 108 -15.59 -9.34 -5.00
N LEU B 109 -15.61 -8.16 -5.60
CA LEU B 109 -15.06 -7.01 -4.90
C LEU B 109 -15.93 -6.58 -3.72
N ASP B 110 -17.21 -6.93 -3.76
CA ASP B 110 -18.15 -6.69 -2.62
C ASP B 110 -18.30 -5.17 -2.42
N GLY B 111 -18.61 -4.50 -3.54
CA GLY B 111 -18.86 -3.06 -3.60
C GLY B 111 -17.63 -2.20 -3.31
N LYS B 112 -16.43 -2.78 -3.13
CA LYS B 112 -15.26 -1.99 -2.85
C LYS B 112 -14.50 -1.71 -4.16
N PRO B 113 -13.75 -0.62 -4.18
CA PRO B 113 -12.96 -0.40 -5.37
C PRO B 113 -11.84 -1.45 -5.46
N VAL B 114 -11.35 -1.60 -6.72
CA VAL B 114 -10.02 -2.24 -6.93
C VAL B 114 -8.98 -1.42 -6.18
N ASP B 115 -8.05 -2.08 -5.51
CA ASP B 115 -6.95 -1.41 -4.85
C ASP B 115 -5.91 -0.96 -5.87
N GLY B 116 -5.84 0.35 -6.14
CA GLY B 116 -4.93 0.90 -7.08
C GLY B 116 -3.44 0.78 -6.77
N GLN B 117 -3.14 0.40 -5.53
CA GLN B 117 -1.81 0.17 -5.09
C GLN B 117 -1.42 -1.31 -5.19
N ALA B 118 -2.40 -2.16 -5.40
CA ALA B 118 -2.10 -3.64 -5.43
C ALA B 118 -1.42 -3.98 -6.75
N LEU B 119 -0.47 -4.87 -6.69
CA LEU B 119 0.23 -5.39 -7.86
C LEU B 119 -0.59 -6.55 -8.43
N HIS B 120 -0.99 -6.43 -9.70
CA HIS B 120 -1.71 -7.48 -10.39
C HIS B 120 -0.72 -8.28 -11.23
N PHE B 121 -0.41 -9.47 -10.76
CA PHE B 121 0.62 -10.34 -11.28
C PHE B 121 0.00 -11.34 -12.23
N ILE B 122 0.41 -11.42 -13.47
CA ILE B 122 -0.16 -12.30 -14.48
C ILE B 122 0.92 -13.21 -15.05
N PHE B 123 0.75 -14.53 -15.01
CA PHE B 123 1.72 -15.50 -15.42
C PHE B 123 1.00 -16.65 -16.09
N VAL B 124 0.83 -16.67 -17.39
CA VAL B 124 0.01 -17.65 -18.05
C VAL B 124 0.45 -17.82 -19.49
N SER B 125 0.12 -18.94 -20.12
CA SER B 125 0.19 -19.25 -21.57
C SER B 125 0.65 -20.68 -21.82
N ALA B 126 1.44 -21.26 -20.90
CA ALA B 126 1.93 -22.61 -21.12
C ALA B 126 0.81 -23.58 -21.53
N ASN B 127 -0.33 -23.51 -20.83
CA ASN B 127 -1.39 -24.51 -21.16
C ASN B 127 -2.05 -24.27 -22.50
N ASP B 128 -1.90 -23.06 -23.06
CA ASP B 128 -2.37 -22.82 -24.39
C ASP B 128 -1.62 -23.75 -25.36
N PHE B 129 -0.30 -23.83 -25.17
CA PHE B 129 0.57 -24.70 -25.94
C PHE B 129 0.36 -26.16 -25.61
N PHE B 130 0.29 -26.54 -24.32
CA PHE B 130 0.15 -27.96 -23.99
C PHE B 130 -1.21 -28.48 -24.52
N GLU B 131 -2.25 -27.70 -24.41
CA GLU B 131 -3.55 -28.17 -24.90
C GLU B 131 -3.49 -28.35 -26.41
N HIS B 132 -2.92 -27.39 -27.12
CA HIS B 132 -2.82 -27.45 -28.54
C HIS B 132 -2.04 -28.69 -28.96
N GLU B 133 -0.93 -28.98 -28.33
CA GLU B 133 -0.14 -30.15 -28.70
C GLU B 133 -0.87 -31.44 -28.32
N ASP B 134 -1.50 -31.52 -27.15
CA ASP B 134 -2.06 -32.81 -26.69
C ASP B 134 -3.34 -33.14 -27.37
N PHE B 135 -4.12 -32.18 -27.84
CA PHE B 135 -5.46 -32.45 -28.39
C PHE B 135 -5.56 -31.94 -29.84
N ALA B 136 -4.44 -31.90 -30.56
CA ALA B 136 -4.35 -31.56 -32.01
C ALA B 136 -5.14 -30.28 -32.34
N GLY B 137 -4.78 -29.18 -31.70
CA GLY B 137 -5.38 -27.90 -31.99
C GLY B 137 -5.16 -27.50 -33.44
N GLU B 138 -6.07 -26.68 -34.01
CA GLU B 138 -6.03 -26.41 -35.48
C GLU B 138 -5.12 -25.24 -35.83
N GLN B 139 -5.01 -24.21 -34.98
CA GLN B 139 -4.28 -23.05 -35.37
C GLN B 139 -2.82 -23.44 -35.67
N PRO B 140 -2.21 -22.78 -36.66
CA PRO B 140 -0.81 -22.80 -36.73
C PRO B 140 -0.26 -22.20 -35.41
N LEU B 141 0.99 -22.54 -35.05
CA LEU B 141 1.49 -22.05 -33.74
C LEU B 141 1.62 -20.55 -33.69
N GLU B 142 1.86 -19.90 -34.84
CA GLU B 142 1.95 -18.47 -34.84
C GLU B 142 0.60 -17.84 -34.48
N GLN B 143 -0.49 -18.45 -34.93
CA GLN B 143 -1.82 -17.92 -34.65
CA GLN B 143 -1.79 -17.89 -34.65
C GLN B 143 -2.15 -18.22 -33.18
N LEU B 144 -1.70 -19.36 -32.71
CA LEU B 144 -1.94 -19.72 -31.27
C LEU B 144 -1.23 -18.68 -30.40
N ALA B 145 0.00 -18.34 -30.71
CA ALA B 145 0.73 -17.34 -29.99
C ALA B 145 -0.01 -15.99 -30.02
N GLY B 146 -0.49 -15.61 -31.22
CA GLY B 146 -1.24 -14.36 -31.33
C GLY B 146 -2.48 -14.35 -30.44
N SER B 147 -3.16 -15.49 -30.28
CA SER B 147 -4.34 -15.58 -29.42
CA SER B 147 -4.36 -15.55 -29.42
C SER B 147 -3.93 -15.44 -27.94
N SER B 148 -2.84 -16.10 -27.58
CA SER B 148 -2.33 -16.03 -26.20
C SER B 148 -2.05 -14.57 -25.86
N VAL B 149 -1.31 -13.85 -26.73
CA VAL B 149 -0.96 -12.50 -26.51
C VAL B 149 -2.20 -11.62 -26.37
N ALA B 150 -3.15 -11.79 -27.29
CA ALA B 150 -4.36 -11.02 -27.26
C ALA B 150 -5.14 -11.25 -25.95
N ASN B 151 -5.13 -12.52 -25.52
CA ASN B 151 -5.83 -12.85 -24.29
C ASN B 151 -5.19 -12.19 -23.05
N ILE B 152 -3.88 -12.20 -23.00
CA ILE B 152 -3.21 -11.58 -21.86
C ILE B 152 -3.41 -10.04 -21.88
N ARG B 153 -3.21 -9.45 -23.10
CA ARG B 153 -3.45 -8.01 -23.21
C ARG B 153 -4.88 -7.67 -22.75
N ALA B 154 -5.87 -8.49 -23.15
CA ALA B 154 -7.26 -8.19 -22.79
C ALA B 154 -7.46 -8.31 -21.28
N ALA B 155 -6.74 -9.23 -20.62
CA ALA B 155 -6.84 -9.31 -19.20
C ALA B 155 -6.33 -8.07 -18.49
N VAL B 156 -5.15 -7.54 -18.95
CA VAL B 156 -4.62 -6.33 -18.39
C VAL B 156 -5.58 -5.15 -18.64
N GLN B 157 -6.15 -5.14 -19.85
CA GLN B 157 -7.05 -4.06 -20.20
C GLN B 157 -8.26 -4.08 -19.26
N ARG B 158 -8.82 -5.26 -19.07
CA ARG B 158 -10.08 -5.40 -18.28
C ARG B 158 -9.80 -5.11 -16.81
N LEU B 159 -8.68 -5.56 -16.29
CA LEU B 159 -8.30 -5.19 -14.94
C LEU B 159 -8.08 -3.68 -14.79
N GLY B 160 -7.37 -3.09 -15.78
CA GLY B 160 -7.21 -1.61 -15.71
C GLY B 160 -8.54 -0.87 -15.84
N GLU B 161 -9.42 -1.34 -16.69
CA GLU B 161 -10.78 -0.78 -16.85
C GLU B 161 -11.46 -0.64 -15.50
N ALA B 162 -11.28 -1.65 -14.66
CA ALA B 162 -11.95 -1.72 -13.37
C ALA B 162 -11.24 -0.93 -12.28
N GLY B 163 -10.02 -0.46 -12.53
CA GLY B 163 -9.26 0.37 -11.60
C GLY B 163 -7.87 -0.09 -11.23
N ALA B 164 -7.43 -1.22 -11.72
CA ALA B 164 -6.07 -1.65 -11.46
C ALA B 164 -5.07 -0.71 -12.11
N ARG B 165 -3.96 -0.44 -11.40
CA ARG B 165 -2.94 0.49 -11.96
C ARG B 165 -1.56 -0.16 -12.08
N ARG B 166 -1.31 -1.21 -11.34
CA ARG B 166 0.03 -1.78 -11.24
C ARG B 166 0.00 -3.25 -11.67
N PHE B 167 0.91 -3.62 -12.57
CA PHE B 167 0.98 -4.97 -13.11
C PHE B 167 2.44 -5.46 -13.12
N LEU B 168 2.56 -6.78 -12.99
CA LEU B 168 3.80 -7.49 -13.37
C LEU B 168 3.35 -8.64 -14.24
N VAL B 169 3.79 -8.66 -15.50
CA VAL B 169 3.42 -9.71 -16.40
C VAL B 169 4.64 -10.55 -16.73
N VAL B 170 4.52 -11.85 -16.54
CA VAL B 170 5.57 -12.79 -16.80
C VAL B 170 5.50 -13.34 -18.22
N SER B 171 6.68 -13.42 -18.86
CA SER B 171 6.74 -13.96 -20.21
C SER B 171 6.37 -15.43 -20.27
N SER B 172 6.30 -15.97 -21.48
CA SER B 172 6.38 -17.44 -21.57
C SER B 172 7.63 -17.90 -20.90
N THR B 173 7.55 -19.04 -20.18
CA THR B 173 8.72 -19.79 -19.77
C THR B 173 9.34 -20.53 -20.97
N ASP B 174 10.50 -21.08 -20.72
CA ASP B 174 11.16 -21.87 -21.72
C ASP B 174 10.52 -23.26 -21.86
N LEU B 175 9.42 -23.29 -22.59
CA LEU B 175 8.70 -24.56 -22.79
C LEU B 175 9.58 -25.59 -23.50
N SER B 176 10.57 -25.12 -24.25
CA SER B 176 11.40 -26.04 -25.06
C SER B 176 12.27 -26.95 -24.25
N VAL B 177 12.46 -26.69 -22.95
CA VAL B 177 13.24 -27.57 -22.05
C VAL B 177 12.39 -28.30 -21.05
N VAL B 178 11.07 -28.13 -21.11
CA VAL B 178 10.20 -28.85 -20.24
C VAL B 178 10.37 -30.35 -20.53
N PRO B 179 10.54 -31.18 -19.47
CA PRO B 179 10.79 -32.59 -19.83
C PRO B 179 9.69 -33.25 -20.69
N ALA B 180 8.42 -32.97 -20.40
CA ALA B 180 7.36 -33.53 -21.21
C ALA B 180 7.45 -33.10 -22.67
N VAL B 181 7.90 -31.86 -22.96
CA VAL B 181 8.02 -31.45 -24.31
C VAL B 181 9.18 -32.14 -25.03
N VAL B 182 10.31 -32.28 -24.36
CA VAL B 182 11.44 -33.05 -24.83
C VAL B 182 10.99 -34.49 -25.15
N ALA B 183 10.29 -35.13 -24.22
CA ALA B 183 9.83 -36.50 -24.43
C ALA B 183 8.83 -36.58 -25.56
N GLY B 184 8.06 -35.52 -25.77
CA GLY B 184 7.16 -35.47 -26.94
C GLY B 184 7.83 -35.15 -28.28
N ASN B 185 9.14 -34.94 -28.30
CA ASN B 185 9.87 -34.51 -29.48
C ASN B 185 9.27 -33.23 -30.05
N ARG B 186 8.94 -32.25 -29.16
CA ARG B 186 8.26 -31.04 -29.56
C ARG B 186 9.10 -29.79 -29.23
N VAL B 187 10.40 -29.96 -29.16
CA VAL B 187 11.30 -28.84 -28.80
C VAL B 187 11.20 -27.67 -29.79
N GLU B 188 11.18 -27.93 -31.09
CA GLU B 188 11.19 -26.88 -32.08
C GLU B 188 9.84 -26.13 -32.06
N ARG B 189 8.74 -26.88 -31.90
CA ARG B 189 7.44 -26.26 -31.83
C ARG B 189 7.33 -25.33 -30.61
N ALA B 190 7.87 -25.79 -29.48
CA ALA B 190 7.87 -24.94 -28.27
C ALA B 190 8.72 -23.70 -28.49
N GLN B 191 9.88 -23.88 -29.09
CA GLN B 191 10.72 -22.71 -29.39
C GLN B 191 9.96 -21.69 -30.24
N ARG B 192 9.28 -22.15 -31.28
CA ARG B 192 8.62 -21.21 -32.19
C ARG B 192 7.47 -20.48 -31.49
N TYR B 193 6.72 -21.25 -30.68
CA TYR B 193 5.59 -20.67 -29.99
C TYR B 193 6.07 -19.65 -28.96
N LEU B 194 7.01 -20.02 -28.11
CA LEU B 194 7.41 -19.15 -27.03
C LEU B 194 8.10 -17.89 -27.57
N GLN B 195 8.82 -18.04 -28.69
CA GLN B 195 9.49 -16.86 -29.29
C GLN B 195 8.45 -15.88 -29.83
N ALA B 196 7.37 -16.39 -30.38
CA ALA B 196 6.37 -15.52 -30.91
C ALA B 196 5.64 -14.78 -29.80
N VAL B 197 5.32 -15.48 -28.68
CA VAL B 197 4.65 -14.81 -27.62
C VAL B 197 5.58 -13.73 -27.05
N ASN B 198 6.85 -14.08 -26.83
CA ASN B 198 7.76 -13.22 -26.08
C ASN B 198 8.20 -11.97 -26.89
N ALA B 199 8.15 -12.11 -28.20
CA ALA B 199 8.47 -10.91 -29.04
C ALA B 199 7.27 -9.98 -29.04
N SER B 200 6.06 -10.47 -29.16
CA SER B 200 4.88 -9.66 -29.35
C SER B 200 4.28 -9.11 -28.05
N LEU B 201 4.28 -9.91 -26.95
CA LEU B 201 3.54 -9.50 -25.76
C LEU B 201 4.10 -8.23 -25.13
N PRO B 202 5.42 -8.05 -25.00
CA PRO B 202 5.90 -6.88 -24.34
C PRO B 202 5.65 -5.59 -25.15
N ILE B 203 5.55 -5.79 -26.43
CA ILE B 203 5.21 -4.65 -27.34
C ILE B 203 3.77 -4.22 -27.09
N GLN B 204 2.86 -5.19 -27.04
CA GLN B 204 1.46 -4.86 -26.80
C GLN B 204 1.32 -4.24 -25.40
N LEU B 205 1.98 -4.80 -24.38
CA LEU B 205 1.80 -4.27 -23.05
C LEU B 205 2.40 -2.88 -22.89
N ALA B 206 3.50 -2.60 -23.58
CA ALA B 206 4.04 -1.25 -23.47
C ALA B 206 3.08 -0.23 -24.08
N ALA B 207 2.41 -0.58 -25.16
CA ALA B 207 1.38 0.37 -25.74
C ALA B 207 0.26 0.62 -24.70
N LEU B 208 -0.25 -0.49 -24.12
CA LEU B 208 -1.35 -0.35 -23.18
C LEU B 208 -0.91 0.39 -21.91
N ARG B 209 0.30 0.14 -21.43
CA ARG B 209 0.85 0.83 -20.29
C ARG B 209 0.82 2.35 -20.51
N LYS B 210 1.28 2.74 -21.67
CA LYS B 210 1.31 4.17 -21.97
C LYS B 210 -0.11 4.73 -22.12
N THR B 211 -0.97 4.07 -22.84
CA THR B 211 -2.32 4.58 -23.05
C THR B 211 -3.07 4.77 -21.73
N ARG B 212 -2.95 3.82 -20.79
CA ARG B 212 -3.81 3.84 -19.59
C ARG B 212 -3.09 4.34 -18.33
N GLY B 213 -1.87 4.80 -18.48
CA GLY B 213 -1.08 5.29 -17.40
C GLY B 213 -0.86 4.22 -16.34
N LEU B 214 -0.42 3.06 -16.81
CA LEU B 214 -0.17 1.95 -15.88
C LEU B 214 1.31 1.89 -15.48
N GLU B 215 1.56 1.26 -14.36
CA GLU B 215 2.90 0.80 -13.99
C GLU B 215 2.91 -0.68 -14.38
N LEU B 216 3.72 -1.05 -15.36
CA LEU B 216 3.67 -2.44 -15.80
C LEU B 216 5.10 -2.94 -16.02
N SER B 217 5.48 -3.91 -15.25
CA SER B 217 6.79 -4.48 -15.39
CA SER B 217 6.81 -4.59 -15.18
C SER B 217 6.67 -5.82 -16.08
N TRP B 218 7.57 -6.06 -16.96
CA TRP B 218 7.66 -7.30 -17.75
C TRP B 218 8.79 -8.16 -17.21
N PHE B 219 8.55 -9.43 -16.86
CA PHE B 219 9.57 -10.30 -16.37
C PHE B 219 9.91 -11.33 -17.46
N ASP B 220 11.16 -11.32 -17.96
CA ASP B 220 11.58 -12.26 -19.01
C ASP B 220 12.10 -13.53 -18.38
N HIS B 221 11.18 -14.48 -18.23
CA HIS B 221 11.46 -15.78 -17.59
C HIS B 221 12.45 -16.61 -18.43
N LEU B 222 12.39 -16.41 -19.72
CA LEU B 222 13.31 -17.10 -20.67
C LEU B 222 14.75 -16.64 -20.44
N THR B 223 14.98 -15.33 -20.32
CA THR B 223 16.35 -14.88 -20.04
C THR B 223 16.82 -15.43 -18.70
N PHE B 224 15.92 -15.33 -17.69
CA PHE B 224 16.15 -15.90 -16.35
C PHE B 224 16.57 -17.38 -16.38
N SER B 225 15.80 -18.21 -17.07
CA SER B 225 16.11 -19.67 -17.10
C SER B 225 17.36 -19.94 -17.93
N ARG B 226 17.57 -19.17 -19.00
CA ARG B 226 18.77 -19.44 -19.79
C ARG B 226 20.01 -19.15 -18.94
N HIS B 227 19.97 -18.10 -18.13
CA HIS B 227 21.14 -17.78 -17.31
C HIS B 227 21.38 -18.86 -16.24
N LEU B 228 20.31 -19.32 -15.59
CA LEU B 228 20.41 -20.37 -14.61
C LEU B 228 20.99 -21.67 -15.21
N ARG B 229 20.49 -22.05 -16.39
CA ARG B 229 20.81 -23.33 -17.00
C ARG B 229 22.19 -23.28 -17.66
N ARG B 230 22.68 -22.09 -17.98
CA ARG B 230 24.05 -22.00 -18.53
C ARG B 230 25.08 -22.03 -17.40
N ASN B 231 24.71 -21.64 -16.18
CA ASN B 231 25.62 -21.46 -15.06
C ASN B 231 25.10 -22.20 -13.82
N PRO B 232 24.73 -23.49 -13.96
CA PRO B 232 23.98 -24.15 -12.86
C PRO B 232 24.73 -24.22 -11.53
N ALA B 233 26.05 -24.43 -11.59
CA ALA B 233 26.77 -24.68 -10.35
C ALA B 233 26.76 -23.47 -9.41
N ARG B 234 26.80 -22.28 -9.99
CA ARG B 234 26.69 -20.98 -9.31
C ARG B 234 25.46 -20.93 -8.39
N TYR B 235 24.38 -21.59 -8.81
CA TYR B 235 23.10 -21.58 -8.13
C TYR B 235 22.91 -22.86 -7.34
N GLY B 236 23.88 -23.76 -7.37
CA GLY B 236 23.72 -24.99 -6.62
C GLY B 236 22.89 -26.06 -7.33
N LEU B 237 22.64 -25.88 -8.62
CA LEU B 237 21.90 -26.88 -9.41
C LEU B 237 22.86 -27.87 -10.09
N VAL B 238 22.43 -29.10 -10.14
CA VAL B 238 23.17 -30.22 -10.73
C VAL B 238 22.36 -30.83 -11.88
N GLU B 239 21.09 -31.12 -11.70
CA GLU B 239 20.37 -31.89 -12.69
C GLU B 239 19.31 -30.97 -13.31
N LEU B 240 19.50 -30.72 -14.62
CA LEU B 240 18.66 -29.73 -15.32
C LEU B 240 17.50 -30.32 -16.12
N ASP B 241 17.59 -31.64 -16.41
CA ASP B 241 16.67 -32.28 -17.29
C ASP B 241 15.75 -33.38 -16.73
N ALA B 242 16.24 -34.14 -15.78
CA ALA B 242 15.45 -35.22 -15.24
C ALA B 242 14.54 -34.68 -14.13
N PRO B 243 13.30 -35.13 -14.10
CA PRO B 243 12.45 -34.70 -13.00
C PRO B 243 12.91 -35.36 -11.67
N CYS B 244 12.91 -34.58 -10.60
CA CYS B 244 13.16 -35.15 -9.24
C CYS B 244 12.08 -36.19 -8.89
N GLN B 245 10.85 -35.93 -9.27
CA GLN B 245 9.68 -36.73 -8.94
C GLN B 245 9.02 -37.20 -10.24
N PRO B 246 9.44 -38.31 -10.79
CA PRO B 246 8.84 -38.79 -12.02
C PRO B 246 7.37 -39.13 -11.81
N THR B 247 6.56 -38.85 -12.81
CA THR B 247 5.13 -39.19 -12.77
C THR B 247 4.69 -39.89 -14.06
N GLN B 248 5.50 -39.90 -15.12
CA GLN B 248 5.11 -40.44 -16.45
C GLN B 248 6.09 -41.54 -16.86
N PRO B 249 5.56 -42.67 -17.37
CA PRO B 249 4.15 -43.10 -17.39
C PRO B 249 3.59 -43.35 -15.99
N SER B 250 4.44 -43.58 -14.98
CA SER B 250 3.95 -43.74 -13.62
C SER B 250 4.88 -43.09 -12.60
N VAL B 251 4.32 -42.94 -11.41
CA VAL B 251 4.95 -42.31 -10.28
C VAL B 251 6.07 -43.23 -9.80
N ARG B 252 7.24 -42.66 -9.58
CA ARG B 252 8.40 -43.35 -9.07
C ARG B 252 8.95 -42.56 -7.90
N PRO B 253 9.82 -43.18 -7.08
CA PRO B 253 10.33 -42.45 -5.90
C PRO B 253 11.06 -41.14 -6.22
N ALA B 254 10.97 -40.14 -5.35
CA ALA B 254 11.60 -38.81 -5.58
C ALA B 254 13.09 -38.90 -5.34
N CYS B 255 13.85 -38.05 -6.04
CA CYS B 255 15.24 -37.85 -5.77
C CYS B 255 15.50 -37.35 -4.33
N ALA B 256 16.72 -37.63 -3.84
CA ALA B 256 17.11 -37.30 -2.46
C ALA B 256 17.62 -35.86 -2.30
N ASN B 257 17.93 -35.18 -3.40
CA ASN B 257 18.57 -33.91 -3.37
C ASN B 257 17.76 -32.90 -4.22
N PRO B 258 16.48 -32.70 -3.93
CA PRO B 258 15.61 -31.86 -4.78
C PRO B 258 16.09 -30.43 -4.94
N ASP B 259 16.81 -29.87 -4.01
CA ASP B 259 17.30 -28.52 -4.20
C ASP B 259 18.41 -28.38 -5.24
N GLN B 260 18.90 -29.51 -5.72
CA GLN B 260 19.87 -29.52 -6.82
C GLN B 260 19.21 -29.82 -8.18
N TYR B 261 17.87 -29.88 -8.25
CA TYR B 261 17.14 -30.21 -9.49
C TYR B 261 16.41 -28.96 -9.95
N TYR B 262 16.37 -28.85 -11.28
CA TYR B 262 15.56 -27.81 -11.91
C TYR B 262 14.09 -28.20 -11.88
N PHE B 263 13.76 -29.43 -12.33
CA PHE B 263 12.37 -29.85 -12.53
C PHE B 263 11.92 -30.77 -11.38
N TRP B 264 10.73 -30.51 -10.92
CA TRP B 264 10.07 -31.36 -9.90
C TRP B 264 9.42 -32.55 -10.63
N ASP B 265 8.42 -32.33 -11.47
CA ASP B 265 7.83 -33.31 -12.32
C ASP B 265 8.14 -32.99 -13.81
N GLU B 266 7.42 -33.54 -14.76
CA GLU B 266 7.79 -33.41 -16.17
C GLU B 266 7.35 -32.05 -16.74
N TRP B 267 6.65 -31.24 -15.95
CA TRP B 267 6.16 -29.92 -16.43
C TRP B 267 6.60 -28.73 -15.56
N HIS B 268 6.91 -28.97 -14.27
CA HIS B 268 6.93 -27.93 -13.28
C HIS B 268 8.28 -27.85 -12.58
N PRO B 269 8.81 -26.67 -12.31
CA PRO B 269 10.07 -26.53 -11.61
C PRO B 269 9.97 -26.85 -10.11
N THR B 270 11.14 -27.03 -9.56
CA THR B 270 11.26 -27.30 -8.13
C THR B 270 11.11 -26.03 -7.30
N ARG B 271 10.96 -26.20 -5.99
CA ARG B 271 10.92 -25.06 -5.09
C ARG B 271 12.19 -24.21 -5.19
N ARG B 272 13.34 -24.81 -5.48
CA ARG B 272 14.58 -24.05 -5.62
C ARG B 272 14.50 -23.07 -6.78
N VAL B 273 14.01 -23.55 -7.95
CA VAL B 273 13.88 -22.69 -9.09
C VAL B 273 12.81 -21.63 -8.86
N HIS B 274 11.70 -22.01 -8.24
CA HIS B 274 10.67 -21.04 -7.88
C HIS B 274 11.26 -19.96 -6.97
N GLN B 275 12.13 -20.36 -6.01
CA GLN B 275 12.78 -19.38 -5.13
C GLN B 275 13.63 -18.39 -5.94
N LEU B 276 14.46 -18.92 -6.83
CA LEU B 276 15.31 -18.05 -7.61
C LEU B 276 14.48 -17.12 -8.50
N ALA B 277 13.41 -17.66 -9.10
CA ALA B 277 12.54 -16.89 -9.96
C ALA B 277 11.84 -15.75 -9.19
N GLY B 278 11.32 -16.08 -8.00
CA GLY B 278 10.67 -15.04 -7.21
C GLY B 278 11.63 -13.99 -6.74
N GLU B 279 12.86 -14.39 -6.42
CA GLU B 279 13.89 -13.36 -6.10
C GLU B 279 14.16 -12.46 -7.31
N ALA B 280 14.27 -13.07 -8.49
CA ALA B 280 14.53 -12.28 -9.71
C ALA B 280 13.37 -11.34 -10.02
N MET B 281 12.15 -11.82 -9.81
CA MET B 281 10.97 -10.99 -10.09
C MET B 281 10.90 -9.79 -9.15
N ALA B 282 11.41 -9.97 -7.98
CA ALA B 282 11.38 -8.90 -6.93
C ALA B 282 12.42 -7.84 -7.23
N ALA B 283 13.36 -8.09 -8.14
CA ALA B 283 14.50 -7.18 -8.36
C ALA B 283 14.08 -5.81 -8.89
N ARG B 284 12.88 -5.64 -9.44
CA ARG B 284 12.51 -4.38 -10.00
C ARG B 284 11.90 -3.46 -8.95
N TYR B 285 11.61 -3.96 -7.74
CA TYR B 285 10.80 -3.24 -6.71
C TYR B 285 11.67 -2.98 -5.47
N ALA B 286 11.41 -1.81 -4.86
CA ALA B 286 11.93 -1.55 -3.57
C ALA B 286 11.16 -2.32 -2.50
N ARG B 287 11.80 -2.74 -1.42
CA ARG B 287 11.13 -3.43 -0.31
C ARG B 287 10.28 -2.46 0.50
#